data_8D54
#
_entry.id   8D54
#
_cell.length_a   75.137
_cell.length_b   77.801
_cell.length_c   84.025
_cell.angle_alpha   90.000
_cell.angle_beta   90.000
_cell.angle_gamma   90.000
#
_symmetry.space_group_name_H-M   'P 21 21 21'
#
loop_
_entity.id
_entity.type
_entity.pdbx_description
1 polymer 'CG10 Fab heavy chain'
2 polymer 'CG10 Fab light chain'
3 water water
#
loop_
_entity_poly.entity_id
_entity_poly.type
_entity_poly.pdbx_seq_one_letter_code
_entity_poly.pdbx_strand_id
1 'polypeptide(L)'
;QVQLKQSGTELVRPGTSVKMSCKAAGYTFTDYWIGWVKQRPGHGLEWIGDFYPGGDYTLYSENFMGKASLTADTSSNTAY
MQLSSLTSEDSAIYYCARGHYYGYSYAWFAYWGQGTLVTVSSASTKGPSVFPLAPSSKSTSGGTAALGCLVKDYFPEPVT
VSWNSGALTSGVHTFPAVLQSSGLYSLSSVVTVPSSSLGTQTYICNVNHKPSNTKVDKRVEPKSCDKT
;
A
2 'polypeptide(L)'
;DIVLTQSPASLAVSLGQRATISCKASQSVDYDGDSYMNWYQQKPGQPPKLLIYAASNLESGIPARFSGSGSGTDFTLNIH
PVGEEDAATYYCQQSHEDPWTFGGGTMLEIKRTVAAPSVFIFPPSDEQLKSGTASVVCLLNNFYPREAKVQWKVDNALQS
GNSQESVTEQDSKDSTYSLSSTLTLSKADYEKHKVYACEVTHQGLSSPVTKSFNRGEC
;
B
#
# COMPACT_ATOMS: atom_id res chain seq x y z
N GLN A 1 -20.66 -16.55 2.75
CA GLN A 1 -20.24 -15.25 2.23
C GLN A 1 -19.47 -15.44 0.92
N VAL A 2 -19.68 -14.53 -0.04
CA VAL A 2 -18.92 -14.58 -1.29
C VAL A 2 -17.45 -14.28 -0.98
N GLN A 3 -16.55 -15.14 -1.45
CA GLN A 3 -15.14 -14.95 -1.21
C GLN A 3 -14.33 -15.37 -2.44
N LEU A 4 -13.33 -14.56 -2.77
CA LEU A 4 -12.38 -14.86 -3.83
C LEU A 4 -10.98 -14.87 -3.22
N LYS A 5 -10.25 -15.97 -3.41
CA LYS A 5 -8.92 -16.14 -2.84
C LYS A 5 -7.92 -16.36 -3.96
N GLN A 6 -6.93 -15.47 -4.07
CA GLN A 6 -5.97 -15.56 -5.16
C GLN A 6 -4.67 -16.23 -4.72
N SER A 7 -3.95 -16.73 -5.72
CA SER A 7 -2.67 -17.41 -5.50
C SER A 7 -1.60 -16.40 -5.10
N GLY A 8 -0.44 -16.93 -4.67
CA GLY A 8 0.58 -16.12 -4.03
C GLY A 8 1.45 -15.32 -4.98
N THR A 9 2.34 -14.54 -4.36
CA THR A 9 3.26 -13.68 -5.09
C THR A 9 4.10 -14.48 -6.08
N GLU A 10 4.34 -13.87 -7.24
CA GLU A 10 5.12 -14.48 -8.29
C GLU A 10 6.36 -13.64 -8.60
N LEU A 11 7.46 -14.33 -8.90
CA LEU A 11 8.67 -13.78 -9.49
C LEU A 11 8.95 -14.63 -10.71
N VAL A 12 8.83 -14.02 -11.89
CA VAL A 12 8.89 -14.75 -13.15
C VAL A 12 9.79 -14.02 -14.13
N ARG A 13 10.42 -14.79 -15.01
CA ARG A 13 11.44 -14.24 -15.89
C ARG A 13 10.82 -13.59 -17.14
N PRO A 14 11.48 -12.57 -17.67
CA PRO A 14 10.96 -11.94 -18.90
C PRO A 14 10.90 -12.95 -20.03
N GLY A 15 9.88 -12.81 -20.87
CA GLY A 15 9.71 -13.66 -22.02
C GLY A 15 8.87 -14.89 -21.78
N THR A 16 8.64 -15.23 -20.54
CA THR A 16 7.87 -16.41 -20.19
C THR A 16 6.40 -16.04 -20.00
N SER A 17 5.62 -17.00 -19.54
CA SER A 17 4.26 -16.77 -19.12
C SER A 17 4.12 -17.09 -17.63
N VAL A 18 3.08 -16.53 -17.03
CA VAL A 18 2.71 -16.80 -15.64
C VAL A 18 1.22 -17.09 -15.62
N LYS A 19 0.81 -18.05 -14.80
CA LYS A 19 -0.59 -18.42 -14.66
C LYS A 19 -0.95 -18.33 -13.19
N MET A 20 -1.88 -17.45 -12.87
CA MET A 20 -2.34 -17.22 -11.51
C MET A 20 -3.80 -17.62 -11.38
N SER A 21 -4.24 -17.84 -10.14
CA SER A 21 -5.54 -18.40 -9.88
C SER A 21 -6.37 -17.59 -8.90
N CYS A 22 -7.68 -17.83 -8.95
CA CYS A 22 -8.68 -17.10 -8.18
C CYS A 22 -9.75 -18.13 -7.81
N LYS A 23 -9.76 -18.57 -6.55
CA LYS A 23 -10.67 -19.61 -6.10
C LYS A 23 -11.87 -18.98 -5.44
N ALA A 24 -13.06 -19.36 -5.89
CA ALA A 24 -14.31 -18.74 -5.47
C ALA A 24 -15.03 -19.65 -4.49
N ALA A 25 -15.73 -19.02 -3.55
CA ALA A 25 -16.61 -19.76 -2.64
C ALA A 25 -17.81 -18.88 -2.31
N GLY A 26 -18.89 -19.53 -1.86
CA GLY A 26 -20.03 -18.82 -1.35
C GLY A 26 -21.13 -18.53 -2.34
N TYR A 27 -21.02 -19.01 -3.57
CA TYR A 27 -22.02 -18.78 -4.61
C TYR A 27 -21.81 -19.80 -5.71
N THR A 28 -22.75 -19.85 -6.65
CA THR A 28 -22.69 -20.79 -7.77
C THR A 28 -21.68 -20.25 -8.78
N PHE A 29 -20.52 -20.91 -8.85
CA PHE A 29 -19.39 -20.43 -9.63
C PHE A 29 -19.72 -20.27 -11.11
N THR A 30 -20.58 -21.10 -11.65
CA THR A 30 -20.88 -21.08 -13.07
C THR A 30 -21.88 -20.01 -13.46
N ASP A 31 -22.37 -19.21 -12.51
CA ASP A 31 -23.44 -18.25 -12.79
C ASP A 31 -22.99 -16.80 -12.84
N TYR A 32 -21.69 -16.51 -12.69
CA TYR A 32 -21.22 -15.13 -12.59
C TYR A 32 -19.91 -14.93 -13.34
N TRP A 33 -19.78 -13.76 -13.96
CA TRP A 33 -18.54 -13.38 -14.60
C TRP A 33 -17.49 -13.03 -13.54
N ILE A 34 -16.24 -13.42 -13.83
CA ILE A 34 -15.07 -13.00 -13.07
C ILE A 34 -14.27 -12.05 -13.95
N GLY A 35 -14.08 -10.83 -13.45
CA GLY A 35 -13.24 -9.84 -14.09
C GLY A 35 -11.84 -9.80 -13.51
N TRP A 36 -10.88 -9.36 -14.32
CA TRP A 36 -9.49 -9.28 -13.92
C TRP A 36 -8.99 -7.86 -14.17
N VAL A 37 -8.23 -7.33 -13.20
CA VAL A 37 -7.84 -5.91 -13.16
C VAL A 37 -6.38 -5.81 -12.77
N LYS A 38 -5.65 -4.95 -13.46
CA LYS A 38 -4.23 -4.70 -13.26
C LYS A 38 -4.02 -3.39 -12.54
N GLN A 39 -3.14 -3.40 -11.54
CA GLN A 39 -2.81 -2.20 -10.78
C GLN A 39 -1.29 -2.06 -10.69
N ARG A 40 -0.77 -1.02 -11.31
CA ARG A 40 0.65 -0.72 -11.39
C ARG A 40 0.78 0.73 -10.93
N PRO A 41 1.73 1.05 -10.05
CA PRO A 41 1.85 2.44 -9.59
C PRO A 41 2.01 3.41 -10.76
N GLY A 42 1.31 4.52 -10.68
CA GLY A 42 1.28 5.50 -11.73
C GLY A 42 0.27 5.24 -12.83
N HIS A 43 -0.47 4.12 -12.76
CA HIS A 43 -1.40 3.73 -13.81
C HIS A 43 -2.75 3.30 -13.26
N GLY A 44 -3.08 3.71 -12.03
CA GLY A 44 -4.42 3.47 -11.46
C GLY A 44 -4.83 2.02 -11.63
N LEU A 45 -6.05 1.84 -12.13
CA LEU A 45 -6.66 0.54 -12.34
C LEU A 45 -6.95 0.36 -13.82
N GLU A 46 -6.64 -0.81 -14.36
CA GLU A 46 -6.85 -1.12 -15.77
C GLU A 46 -7.49 -2.51 -15.89
N TRP A 47 -8.64 -2.56 -16.54
CA TRP A 47 -9.34 -3.82 -16.75
C TRP A 47 -8.70 -4.63 -17.87
N ILE A 48 -8.56 -5.93 -17.63
CA ILE A 48 -7.93 -6.89 -18.56
C ILE A 48 -8.97 -7.68 -19.35
N GLY A 49 -9.91 -8.30 -18.65
CA GLY A 49 -10.88 -9.16 -19.31
C GLY A 49 -11.74 -9.84 -18.28
N ASP A 50 -12.83 -10.45 -18.79
CA ASP A 50 -13.81 -11.18 -18.02
C ASP A 50 -13.94 -12.62 -18.52
N PHE A 51 -14.32 -13.51 -17.60
CA PHE A 51 -14.49 -14.92 -17.91
C PHE A 51 -15.77 -15.43 -17.25
N TYR A 52 -16.54 -16.21 -18.01
CA TYR A 52 -17.79 -16.78 -17.47
C TYR A 52 -17.64 -18.29 -17.34
N PRO A 53 -17.51 -18.85 -16.13
CA PRO A 53 -17.19 -20.28 -16.04
C PRO A 53 -18.30 -21.19 -16.51
N GLY A 54 -19.54 -20.75 -16.50
CA GLY A 54 -20.66 -21.53 -17.01
C GLY A 54 -20.78 -21.46 -18.53
N GLY A 55 -19.77 -21.92 -19.21
CA GLY A 55 -19.76 -21.85 -20.67
C GLY A 55 -18.43 -21.46 -21.27
N ASP A 56 -17.50 -20.96 -20.44
CA ASP A 56 -16.15 -20.60 -20.85
C ASP A 56 -16.13 -19.38 -21.79
N TYR A 57 -17.05 -18.44 -21.56
CA TYR A 57 -17.12 -17.25 -22.40
C TYR A 57 -16.03 -16.27 -21.98
N THR A 58 -15.48 -15.56 -22.97
CA THR A 58 -14.43 -14.58 -22.68
C THR A 58 -14.78 -13.20 -23.21
N LEU A 59 -14.21 -12.19 -22.56
CA LEU A 59 -14.25 -10.81 -23.06
C LEU A 59 -12.92 -10.18 -22.68
N TYR A 60 -12.18 -9.62 -23.63
CA TYR A 60 -10.88 -9.03 -23.37
C TYR A 60 -10.85 -7.55 -23.74
N SER A 61 -9.98 -6.82 -23.04
CA SER A 61 -9.55 -5.52 -23.50
C SER A 61 -8.67 -5.71 -24.73
N GLU A 62 -8.84 -4.82 -25.72
CA GLU A 62 -7.98 -4.87 -26.90
C GLU A 62 -6.51 -4.77 -26.53
N ASN A 63 -6.19 -4.08 -25.44
CA ASN A 63 -4.80 -3.93 -25.04
C ASN A 63 -4.20 -5.23 -24.48
N PHE A 64 -5.00 -6.23 -24.20
CA PHE A 64 -4.54 -7.52 -23.71
C PHE A 64 -4.82 -8.65 -24.69
N MET A 65 -5.28 -8.32 -25.90
CA MET A 65 -5.47 -9.36 -26.91
C MET A 65 -4.15 -10.03 -27.23
N GLY A 66 -4.16 -11.36 -27.22
CA GLY A 66 -2.94 -12.11 -27.43
C GLY A 66 -1.95 -12.09 -26.29
N LYS A 67 -2.25 -11.43 -25.18
CA LYS A 67 -1.39 -11.33 -24.01
C LYS A 67 -1.97 -12.05 -22.80
N ALA A 68 -3.25 -11.88 -22.53
CA ALA A 68 -3.95 -12.56 -21.46
C ALA A 68 -4.80 -13.70 -22.00
N SER A 69 -4.88 -14.79 -21.25
CA SER A 69 -5.73 -15.93 -21.59
C SER A 69 -6.46 -16.35 -20.32
N LEU A 70 -7.78 -16.36 -20.37
CA LEU A 70 -8.63 -16.66 -19.22
C LEU A 70 -9.26 -18.04 -19.39
N THR A 71 -9.22 -18.82 -18.31
CA THR A 71 -9.77 -20.18 -18.27
C THR A 71 -10.33 -20.42 -16.87
N ALA A 72 -10.89 -21.61 -16.68
CA ALA A 72 -11.34 -21.98 -15.33
C ALA A 72 -11.42 -23.49 -15.21
N ASP A 73 -11.49 -23.96 -13.98
CA ASP A 73 -11.72 -25.37 -13.62
C ASP A 73 -12.93 -25.36 -12.71
N THR A 74 -14.10 -25.72 -13.26
CA THR A 74 -15.32 -25.68 -12.46
C THR A 74 -15.32 -26.71 -11.34
N SER A 75 -14.55 -27.79 -11.50
CA SER A 75 -14.50 -28.83 -10.48
C SER A 75 -13.86 -28.34 -9.19
N SER A 76 -13.05 -27.27 -9.26
CA SER A 76 -12.41 -26.71 -8.09
C SER A 76 -12.80 -25.27 -7.85
N ASN A 77 -13.82 -24.77 -8.57
CA ASN A 77 -14.26 -23.39 -8.43
C ASN A 77 -13.13 -22.39 -8.61
N THR A 78 -12.22 -22.68 -9.53
CA THR A 78 -11.03 -21.85 -9.70
C THR A 78 -10.99 -21.24 -11.09
N ALA A 79 -10.88 -19.92 -11.15
CA ALA A 79 -10.60 -19.20 -12.39
C ALA A 79 -9.10 -18.92 -12.50
N TYR A 80 -8.60 -18.86 -13.72
CA TYR A 80 -7.20 -18.63 -14.00
C TYR A 80 -6.99 -17.52 -15.01
N MET A 81 -5.88 -16.81 -14.87
CA MET A 81 -5.41 -15.89 -15.87
C MET A 81 -3.93 -16.17 -16.16
N GLN A 82 -3.62 -16.34 -17.44
CA GLN A 82 -2.25 -16.50 -17.91
C GLN A 82 -1.85 -15.26 -18.69
N LEU A 83 -0.69 -14.71 -18.36
CA LEU A 83 -0.09 -13.59 -19.06
C LEU A 83 1.19 -14.08 -19.73
N SER A 84 1.33 -13.82 -21.03
CA SER A 84 2.42 -14.33 -21.84
C SER A 84 3.36 -13.21 -22.24
N SER A 85 4.50 -13.61 -22.80
CA SER A 85 5.52 -12.70 -23.31
C SER A 85 5.85 -11.59 -22.31
N LEU A 86 6.20 -12.00 -21.10
CA LEU A 86 6.26 -11.06 -19.99
C LEU A 86 7.41 -10.08 -20.14
N THR A 87 7.15 -8.82 -19.78
CA THR A 87 8.17 -7.79 -19.66
C THR A 87 7.97 -7.06 -18.34
N SER A 88 8.88 -6.13 -18.03
CA SER A 88 8.77 -5.33 -16.82
C SER A 88 7.49 -4.51 -16.79
N GLU A 89 6.88 -4.23 -17.94
CA GLU A 89 5.60 -3.54 -17.95
C GLU A 89 4.48 -4.38 -17.36
N ASP A 90 4.68 -5.68 -17.19
CA ASP A 90 3.69 -6.57 -16.62
C ASP A 90 3.86 -6.73 -15.11
N SER A 91 4.92 -6.16 -14.52
CA SER A 91 5.04 -6.15 -13.07
C SER A 91 3.92 -5.28 -12.49
N ALA A 92 3.08 -5.85 -11.62
CA ALA A 92 1.88 -5.20 -11.15
C ALA A 92 1.20 -6.11 -10.15
N ILE A 93 0.19 -5.58 -9.46
CA ILE A 93 -0.77 -6.38 -8.71
C ILE A 93 -1.94 -6.68 -9.65
N TYR A 94 -2.39 -7.92 -9.65
CA TYR A 94 -3.51 -8.36 -10.46
C TYR A 94 -4.61 -8.86 -9.54
N TYR A 95 -5.83 -8.37 -9.75
CA TYR A 95 -6.99 -8.78 -8.98
C TYR A 95 -7.97 -9.55 -9.84
N CYS A 96 -8.69 -10.46 -9.21
CA CYS A 96 -9.94 -10.96 -9.76
C CYS A 96 -11.08 -10.33 -8.96
N ALA A 97 -12.26 -10.26 -9.60
CA ALA A 97 -13.42 -9.68 -8.97
C ALA A 97 -14.68 -10.28 -9.58
N ARG A 98 -15.74 -10.38 -8.80
CA ARG A 98 -16.99 -10.96 -9.29
C ARG A 98 -17.96 -9.86 -9.66
N GLY A 99 -18.56 -9.97 -10.85
CA GLY A 99 -19.61 -9.09 -11.28
C GLY A 99 -20.98 -9.71 -11.00
N HIS A 100 -22.02 -8.89 -11.11
CA HIS A 100 -23.38 -9.27 -10.80
C HIS A 100 -24.30 -8.50 -11.72
N TYR A 101 -25.48 -9.03 -11.99
CA TYR A 101 -26.41 -8.38 -12.92
C TYR A 101 -27.20 -7.31 -12.18
N TYR A 102 -27.16 -6.10 -12.71
CA TYR A 102 -28.06 -5.01 -12.31
C TYR A 102 -28.37 -4.25 -13.59
N GLY A 103 -29.63 -3.99 -13.85
CA GLY A 103 -29.96 -3.41 -15.13
C GLY A 103 -29.53 -4.34 -16.23
N TYR A 104 -28.77 -3.82 -17.19
CA TYR A 104 -28.35 -4.58 -18.37
C TYR A 104 -26.83 -4.75 -18.45
N SER A 105 -26.15 -4.72 -17.31
CA SER A 105 -24.71 -4.94 -17.26
C SER A 105 -24.37 -5.82 -16.08
N TYR A 106 -23.12 -6.35 -16.09
CA TYR A 106 -22.59 -7.10 -14.96
C TYR A 106 -21.33 -6.48 -14.37
N ALA A 107 -20.79 -5.42 -14.97
CA ALA A 107 -19.53 -4.83 -14.55
C ALA A 107 -19.76 -3.90 -13.36
N TRP A 108 -20.35 -4.48 -12.32
CA TRP A 108 -20.48 -3.85 -11.01
C TRP A 108 -19.72 -4.79 -10.06
N PHE A 109 -18.47 -4.45 -9.74
CA PHE A 109 -17.56 -5.43 -9.10
C PHE A 109 -17.57 -5.23 -7.60
N ALA A 110 -18.41 -6.02 -6.93
CA ALA A 110 -18.64 -5.86 -5.50
C ALA A 110 -17.72 -6.74 -4.65
N TYR A 111 -17.18 -7.81 -5.21
CA TYR A 111 -16.36 -8.74 -4.44
C TYR A 111 -15.04 -8.90 -5.16
N TRP A 112 -13.94 -8.78 -4.42
CA TRP A 112 -12.60 -8.78 -4.99
C TRP A 112 -11.70 -9.77 -4.27
N GLY A 113 -10.84 -10.41 -5.02
CA GLY A 113 -9.71 -11.11 -4.44
C GLY A 113 -8.74 -10.13 -3.80
N GLN A 114 -7.79 -10.69 -3.05
CA GLN A 114 -6.83 -9.86 -2.33
C GLN A 114 -5.68 -9.38 -3.19
N GLY A 115 -5.58 -9.87 -4.41
CA GLY A 115 -4.53 -9.48 -5.32
C GLY A 115 -3.36 -10.44 -5.33
N THR A 116 -2.75 -10.58 -6.50
CA THR A 116 -1.50 -11.32 -6.72
C THR A 116 -0.46 -10.35 -7.25
N LEU A 117 0.62 -10.18 -6.50
CA LEU A 117 1.72 -9.34 -6.95
C LEU A 117 2.65 -10.16 -7.84
N VAL A 118 2.94 -9.63 -9.02
CA VAL A 118 3.83 -10.26 -9.99
C VAL A 118 5.01 -9.33 -10.24
N THR A 119 6.22 -9.85 -10.07
CA THR A 119 7.44 -9.16 -10.47
C THR A 119 8.07 -9.91 -11.63
N VAL A 120 8.33 -9.19 -12.73
CA VAL A 120 9.00 -9.76 -13.89
C VAL A 120 10.46 -9.33 -13.82
N SER A 121 11.34 -10.30 -13.58
CA SER A 121 12.76 -10.01 -13.41
C SER A 121 13.52 -11.30 -13.54
N SER A 122 14.77 -11.20 -13.99
CA SER A 122 15.68 -12.33 -14.05
C SER A 122 16.56 -12.43 -12.81
N ALA A 123 16.45 -11.51 -11.88
CA ALA A 123 17.24 -11.55 -10.65
C ALA A 123 16.67 -12.60 -9.71
N SER A 124 17.52 -13.07 -8.81
CA SER A 124 17.19 -14.16 -7.91
C SER A 124 16.45 -13.68 -6.65
N THR A 125 15.63 -14.57 -6.10
CA THR A 125 14.97 -14.33 -4.83
C THR A 125 15.99 -14.26 -3.72
N LYS A 126 15.82 -13.25 -2.84
CA LYS A 126 16.74 -13.04 -1.73
C LYS A 126 15.91 -12.68 -0.49
N GLY A 127 15.93 -13.52 0.53
CA GLY A 127 15.26 -13.22 1.77
C GLY A 127 16.06 -12.28 2.64
N PRO A 128 15.36 -11.50 3.46
CA PRO A 128 16.02 -10.41 4.20
C PRO A 128 16.76 -10.84 5.45
N SER A 129 17.69 -9.97 5.85
CA SER A 129 18.11 -9.95 7.25
C SER A 129 17.18 -9.03 8.04
N VAL A 130 17.01 -9.33 9.32
CA VAL A 130 16.17 -8.52 10.21
C VAL A 130 17.04 -8.04 11.37
N PHE A 131 17.11 -6.72 11.55
CA PHE A 131 17.94 -6.12 12.58
C PHE A 131 17.07 -5.35 13.56
N PRO A 132 17.44 -5.31 14.84
CA PRO A 132 16.67 -4.54 15.81
C PRO A 132 16.92 -3.05 15.72
N LEU A 133 15.86 -2.29 15.99
CA LEU A 133 15.93 -0.84 16.21
C LEU A 133 15.62 -0.70 17.70
N ALA A 134 16.67 -0.70 18.52
CA ALA A 134 16.49 -0.90 19.96
C ALA A 134 16.01 0.38 20.62
N PRO A 135 15.14 0.28 21.64
CA PRO A 135 14.69 1.48 22.34
C PRO A 135 15.85 2.20 23.00
N SER A 136 15.87 3.51 22.86
CA SER A 136 16.99 4.31 23.35
C SER A 136 17.10 4.19 24.87
N SER A 137 18.34 4.19 25.36
CA SER A 137 18.57 4.26 26.79
C SER A 137 18.31 5.65 27.34
N LYS A 138 18.34 6.69 26.50
CA LYS A 138 18.06 8.04 26.92
C LYS A 138 16.61 8.41 26.59
N GLY A 142 11.94 8.71 29.37
CA GLY A 142 10.75 9.48 29.05
C GLY A 142 9.46 8.71 29.25
N GLY A 143 8.36 9.26 28.78
CA GLY A 143 7.07 8.60 28.89
C GLY A 143 6.86 7.57 27.80
N THR A 144 7.24 7.93 26.57
CA THR A 144 7.03 7.10 25.39
C THR A 144 8.36 6.76 24.75
N ALA A 145 8.58 5.49 24.45
CA ALA A 145 9.77 5.02 23.74
C ALA A 145 9.36 4.43 22.40
N ALA A 146 10.29 4.49 21.45
CA ALA A 146 10.08 3.90 20.13
C ALA A 146 11.08 2.78 19.91
N LEU A 147 10.61 1.69 19.31
CA LEU A 147 11.48 0.56 18.95
C LEU A 147 10.98 0.00 17.64
N GLY A 148 11.78 -0.87 17.03
CA GLY A 148 11.33 -1.39 15.75
C GLY A 148 12.24 -2.48 15.23
N CYS A 149 12.01 -2.83 13.96
CA CYS A 149 12.80 -3.80 13.23
C CYS A 149 13.09 -3.27 11.84
N LEU A 150 14.32 -3.42 11.40
CA LEU A 150 14.76 -3.05 10.06
C LEU A 150 14.89 -4.33 9.25
N VAL A 151 14.14 -4.42 8.15
CA VAL A 151 14.09 -5.60 7.29
C VAL A 151 14.85 -5.26 6.03
N LYS A 152 16.06 -5.79 5.89
CA LYS A 152 17.01 -5.32 4.90
C LYS A 152 17.28 -6.33 3.78
N ASP A 153 17.30 -5.81 2.55
CA ASP A 153 17.96 -6.44 1.41
C ASP A 153 17.22 -7.65 0.90
N TYR A 154 15.96 -7.49 0.57
CA TYR A 154 15.15 -8.58 0.07
C TYR A 154 14.66 -8.32 -1.36
N PHE A 155 14.33 -9.41 -2.05
CA PHE A 155 13.78 -9.33 -3.39
C PHE A 155 13.02 -10.61 -3.65
N PRO A 156 11.86 -10.57 -4.30
CA PRO A 156 11.06 -9.40 -4.68
C PRO A 156 10.21 -8.96 -3.49
N GLU A 157 9.39 -7.93 -3.71
CA GLU A 157 8.32 -7.64 -2.77
C GLU A 157 7.32 -8.81 -2.76
N PRO A 158 6.53 -8.96 -1.70
CA PRO A 158 6.44 -8.09 -0.52
C PRO A 158 6.92 -8.75 0.77
N VAL A 159 7.04 -7.92 1.82
CA VAL A 159 7.26 -8.35 3.20
C VAL A 159 6.08 -7.88 4.03
N THR A 160 5.66 -8.71 4.97
CA THR A 160 4.68 -8.31 5.98
C THR A 160 5.32 -8.37 7.36
N VAL A 161 4.83 -7.55 8.26
CA VAL A 161 5.33 -7.52 9.63
C VAL A 161 4.16 -7.42 10.59
N SER A 162 4.19 -8.22 11.65
CA SER A 162 3.31 -8.06 12.79
C SER A 162 4.17 -7.91 14.03
N TRP A 163 3.53 -7.55 15.15
CA TRP A 163 4.20 -7.45 16.44
C TRP A 163 3.50 -8.33 17.45
N ASN A 164 4.29 -9.06 18.22
CA ASN A 164 3.76 -9.97 19.26
C ASN A 164 2.65 -10.85 18.71
N SER A 165 2.86 -11.39 17.51
CA SER A 165 1.96 -12.32 16.85
C SER A 165 0.58 -11.72 16.62
N GLY A 166 0.51 -10.41 16.39
CA GLY A 166 -0.74 -9.75 16.15
C GLY A 166 -1.40 -9.16 17.37
N ALA A 167 -0.85 -9.38 18.56
CA ALA A 167 -1.42 -8.83 19.78
C ALA A 167 -1.14 -7.35 19.96
N LEU A 168 -0.08 -6.83 19.35
CA LEU A 168 0.29 -5.42 19.46
C LEU A 168 0.03 -4.77 18.12
N THR A 169 -0.95 -3.85 18.08
CA THR A 169 -1.33 -3.17 16.85
C THR A 169 -1.33 -1.67 17.04
N SER A 170 -1.65 -1.21 18.26
CA SER A 170 -1.71 0.22 18.53
C SER A 170 -0.31 0.83 18.50
N GLY A 171 -0.17 1.93 17.78
CA GLY A 171 1.10 2.63 17.70
C GLY A 171 2.08 2.04 16.71
N VAL A 172 1.70 1.00 15.98
CA VAL A 172 2.58 0.36 15.01
C VAL A 172 2.54 1.14 13.71
N HIS A 173 3.71 1.39 13.13
CA HIS A 173 3.82 1.92 11.78
C HIS A 173 4.79 1.03 11.01
N THR A 174 4.28 0.34 9.99
CA THR A 174 5.12 -0.45 9.09
C THR A 174 5.19 0.33 7.79
N PHE A 175 6.38 0.78 7.44
CA PHE A 175 6.55 1.73 6.36
C PHE A 175 6.54 1.04 5.00
N PRO A 176 6.13 1.75 3.96
CA PRO A 176 6.31 1.22 2.60
C PRO A 176 7.78 0.91 2.37
N ALA A 177 8.01 -0.19 1.67
CA ALA A 177 9.39 -0.53 1.32
C ALA A 177 9.96 0.51 0.37
N VAL A 178 11.27 0.66 0.43
CA VAL A 178 12.05 1.47 -0.49
C VAL A 178 12.92 0.55 -1.34
N LEU A 179 12.97 0.83 -2.63
CA LEU A 179 13.90 0.13 -3.54
C LEU A 179 15.25 0.83 -3.40
N GLN A 180 16.22 0.13 -2.84
CA GLN A 180 17.55 0.67 -2.67
C GLN A 180 18.31 0.59 -3.99
N SER A 181 19.42 1.36 -4.07
CA SER A 181 20.19 1.37 -5.31
C SER A 181 20.90 0.05 -5.58
N SER A 182 20.92 -0.86 -4.61
CA SER A 182 21.36 -2.23 -4.83
C SER A 182 20.35 -3.08 -5.59
N GLY A 183 19.18 -2.55 -5.90
CA GLY A 183 18.15 -3.36 -6.51
C GLY A 183 17.41 -4.26 -5.54
N LEU A 184 17.67 -4.13 -4.26
CA LEU A 184 16.98 -4.86 -3.20
C LEU A 184 16.13 -3.90 -2.37
N TYR A 185 15.08 -4.42 -1.78
CA TYR A 185 14.16 -3.62 -0.97
C TYR A 185 14.58 -3.63 0.49
N SER A 186 14.14 -2.58 1.21
CA SER A 186 14.28 -2.50 2.65
C SER A 186 13.05 -1.81 3.22
N LEU A 187 12.64 -2.24 4.40
CA LEU A 187 11.56 -1.54 5.10
C LEU A 187 11.81 -1.60 6.59
N SER A 188 11.23 -0.66 7.31
CA SER A 188 11.25 -0.64 8.76
C SER A 188 9.83 -0.73 9.29
N SER A 189 9.68 -1.37 10.44
CA SER A 189 8.44 -1.38 11.21
C SER A 189 8.78 -0.91 12.60
N VAL A 190 7.99 0.06 13.12
CA VAL A 190 8.24 0.64 14.43
C VAL A 190 6.97 0.61 15.25
N VAL A 191 7.14 0.78 16.56
CA VAL A 191 6.02 0.88 17.48
C VAL A 191 6.44 1.80 18.61
N THR A 192 5.51 2.63 19.08
CA THR A 192 5.73 3.45 20.26
C THR A 192 5.01 2.81 21.43
N VAL A 193 5.68 2.75 22.58
CA VAL A 193 5.18 2.05 23.75
C VAL A 193 5.55 2.84 25.00
N PRO A 194 4.91 2.53 26.12
CA PRO A 194 5.30 3.18 27.39
C PRO A 194 6.72 2.80 27.78
N SER A 195 7.53 3.82 28.04
CA SER A 195 8.91 3.55 28.47
C SER A 195 8.94 2.68 29.72
N SER A 196 7.90 2.74 30.55
CA SER A 196 7.85 1.93 31.77
C SER A 196 7.67 0.45 31.48
N SER A 197 7.21 0.10 30.28
CA SER A 197 6.98 -1.30 29.94
C SER A 197 8.23 -2.00 29.41
N LEU A 198 9.33 -1.26 29.22
CA LEU A 198 10.48 -1.83 28.52
C LEU A 198 11.15 -2.95 29.31
N GLY A 199 11.05 -2.93 30.63
CA GLY A 199 11.65 -3.96 31.45
C GLY A 199 10.75 -5.11 31.79
N THR A 200 9.47 -5.03 31.40
CA THR A 200 8.47 -6.02 31.79
C THR A 200 7.73 -6.62 30.61
N GLN A 201 7.67 -5.95 29.47
CA GLN A 201 6.93 -6.41 28.30
C GLN A 201 7.92 -6.83 27.23
N THR A 202 7.70 -8.00 26.65
CA THR A 202 8.52 -8.50 25.55
C THR A 202 7.95 -8.00 24.23
N TYR A 203 8.84 -7.55 23.34
CA TYR A 203 8.44 -7.04 22.03
C TYR A 203 9.17 -7.85 20.97
N ILE A 204 8.39 -8.49 20.10
CA ILE A 204 8.90 -9.35 19.04
C ILE A 204 8.25 -8.92 17.73
N CYS A 205 9.06 -8.61 16.72
CA CYS A 205 8.54 -8.38 15.38
C CYS A 205 8.52 -9.69 14.61
N ASN A 206 7.42 -9.97 13.94
CA ASN A 206 7.22 -11.18 13.16
C ASN A 206 7.28 -10.79 11.69
N VAL A 207 8.38 -11.14 11.04
CA VAL A 207 8.66 -10.72 9.67
C VAL A 207 8.44 -11.91 8.76
N ASN A 208 7.67 -11.72 7.69
CA ASN A 208 7.43 -12.77 6.71
C ASN A 208 7.77 -12.25 5.32
N HIS A 209 8.65 -12.96 4.62
CA HIS A 209 8.96 -12.73 3.21
C HIS A 209 8.60 -14.05 2.51
N LYS A 210 7.35 -14.18 2.10
CA LYS A 210 6.89 -15.45 1.55
C LYS A 210 7.62 -15.86 0.28
N PRO A 211 8.01 -14.95 -0.61
CA PRO A 211 8.73 -15.41 -1.82
C PRO A 211 9.96 -16.24 -1.50
N SER A 212 10.64 -15.98 -0.38
CA SER A 212 11.81 -16.77 0.00
C SER A 212 11.52 -17.73 1.14
N ASN A 213 10.28 -17.80 1.60
CA ASN A 213 9.91 -18.59 2.76
C ASN A 213 10.75 -18.25 3.97
N THR A 214 11.11 -16.96 4.10
CA THR A 214 11.86 -16.45 5.24
C THR A 214 10.86 -15.94 6.27
N LYS A 215 10.82 -16.56 7.45
CA LYS A 215 9.99 -16.15 8.57
C LYS A 215 10.90 -15.93 9.77
N VAL A 216 10.97 -14.70 10.26
CA VAL A 216 11.87 -14.31 11.34
C VAL A 216 11.05 -13.70 12.46
N ASP A 217 11.28 -14.18 13.69
CA ASP A 217 10.71 -13.58 14.91
C ASP A 217 11.89 -12.98 15.69
N LYS A 218 11.98 -11.66 15.70
CA LYS A 218 13.12 -10.96 16.27
C LYS A 218 12.69 -10.24 17.54
N ARG A 219 13.30 -10.63 18.67
CA ARG A 219 13.05 -9.96 19.93
C ARG A 219 13.86 -8.67 19.99
N VAL A 220 13.18 -7.57 20.31
CA VAL A 220 13.81 -6.25 20.35
C VAL A 220 13.89 -5.84 21.82
N GLU A 221 15.09 -5.82 22.36
CA GLU A 221 15.30 -5.53 23.77
C GLU A 221 16.08 -4.22 23.94
N PRO A 222 15.91 -3.55 25.07
CA PRO A 222 16.71 -2.34 25.31
C PRO A 222 18.19 -2.68 25.40
N LYS A 223 19.03 -1.81 24.86
CA LYS A 223 20.47 -2.03 24.87
C LYS A 223 21.02 -1.66 26.24
N SER A 224 21.65 -2.63 26.90
CA SER A 224 22.12 -2.46 28.28
C SER A 224 23.55 -1.93 28.25
N CYS A 225 23.67 -0.61 28.23
CA CYS A 225 24.97 0.05 28.34
C CYS A 225 24.88 1.23 29.31
N ASP B 1 -13.21 4.03 -26.86
CA ASP B 1 -13.44 3.76 -25.41
C ASP B 1 -14.14 4.97 -24.78
N ILE B 2 -14.85 4.74 -23.68
CA ILE B 2 -15.39 5.82 -22.88
C ILE B 2 -14.30 6.25 -21.92
N VAL B 3 -13.74 7.43 -22.12
CA VAL B 3 -12.67 7.96 -21.28
C VAL B 3 -13.28 8.70 -20.11
N LEU B 4 -12.79 8.41 -18.90
CA LEU B 4 -13.26 9.04 -17.66
C LEU B 4 -12.18 9.96 -17.11
N THR B 5 -12.56 11.24 -16.90
CA THR B 5 -11.63 12.23 -16.36
C THR B 5 -12.12 12.61 -14.96
N GLN B 6 -11.32 12.33 -13.95
CA GLN B 6 -11.66 12.70 -12.59
C GLN B 6 -11.04 14.05 -12.25
N SER B 7 -11.70 14.77 -11.35
CA SER B 7 -11.14 16.02 -10.85
C SER B 7 -11.64 16.23 -9.44
N PRO B 8 -10.80 16.73 -8.55
CA PRO B 8 -9.37 17.01 -8.76
C PRO B 8 -8.56 15.73 -8.68
N ALA B 9 -7.27 15.78 -9.01
CA ALA B 9 -6.44 14.61 -8.81
C ALA B 9 -6.13 14.37 -7.33
N SER B 10 -6.09 15.44 -6.54
CA SER B 10 -5.86 15.33 -5.12
C SER B 10 -6.68 16.42 -4.43
N LEU B 11 -7.18 16.10 -3.25
CA LEU B 11 -8.14 16.92 -2.53
C LEU B 11 -7.86 16.80 -1.05
N ALA B 12 -7.79 17.93 -0.33
CA ALA B 12 -7.71 17.94 1.12
C ALA B 12 -8.97 18.58 1.67
N VAL B 13 -9.67 17.87 2.55
CA VAL B 13 -10.94 18.32 3.09
C VAL B 13 -10.88 18.28 4.61
N SER B 14 -11.41 19.31 5.25
CA SER B 14 -11.40 19.37 6.70
C SER B 14 -12.26 18.27 7.31
N LEU B 15 -11.76 17.69 8.38
CA LEU B 15 -12.53 16.72 9.15
C LEU B 15 -13.93 17.26 9.42
N GLY B 16 -14.94 16.41 9.24
CA GLY B 16 -16.31 16.76 9.52
C GLY B 16 -17.04 17.44 8.38
N GLN B 17 -16.36 17.81 7.30
CA GLN B 17 -16.95 18.58 6.23
C GLN B 17 -17.29 17.65 5.04
N ARG B 18 -17.45 18.24 3.86
CA ARG B 18 -17.89 17.51 2.67
C ARG B 18 -16.74 17.42 1.67
N ALA B 19 -16.53 16.22 1.14
CA ALA B 19 -15.63 15.99 0.02
C ALA B 19 -16.50 15.69 -1.19
N THR B 20 -16.22 16.37 -2.31
CA THR B 20 -16.90 16.12 -3.58
C THR B 20 -15.89 15.87 -4.68
N ILE B 21 -16.01 14.73 -5.35
CA ILE B 21 -15.11 14.30 -6.41
C ILE B 21 -15.91 14.16 -7.67
N SER B 22 -15.37 14.68 -8.78
CA SER B 22 -16.07 14.73 -10.05
C SER B 22 -15.52 13.68 -11.02
N CYS B 23 -16.40 13.13 -11.84
CA CYS B 23 -16.02 12.21 -12.90
C CYS B 23 -16.81 12.57 -14.14
N LYS B 24 -16.11 12.87 -15.23
CA LYS B 24 -16.76 13.22 -16.48
C LYS B 24 -16.40 12.19 -17.55
N ALA B 25 -17.42 11.66 -18.22
CA ALA B 25 -17.25 10.64 -19.25
C ALA B 25 -17.27 11.27 -20.63
N SER B 26 -16.52 10.68 -21.55
CA SER B 26 -16.45 11.20 -22.91
C SER B 26 -17.72 10.94 -23.70
N GLN B 27 -18.57 10.02 -23.24
CA GLN B 27 -19.86 9.76 -23.86
C GLN B 27 -20.83 9.39 -22.75
N SER B 28 -22.12 9.50 -23.05
CA SER B 28 -23.15 9.19 -22.06
C SER B 28 -23.10 7.74 -21.63
N VAL B 29 -23.32 7.51 -20.34
CA VAL B 29 -23.40 6.16 -19.79
C VAL B 29 -24.83 5.79 -19.36
N ASP B 30 -25.82 6.49 -19.90
CA ASP B 30 -27.21 6.25 -19.53
C ASP B 30 -27.82 5.15 -20.41
N TYR B 31 -28.70 4.36 -19.80
CA TYR B 31 -29.57 3.44 -20.55
C TYR B 31 -30.80 3.15 -19.70
N ASP B 32 -31.98 3.38 -20.29
CA ASP B 32 -33.27 3.01 -19.69
C ASP B 32 -33.42 3.56 -18.27
N GLY B 33 -33.03 4.80 -18.09
CA GLY B 33 -33.21 5.46 -16.80
C GLY B 33 -32.15 5.20 -15.76
N ASP B 34 -31.18 4.34 -16.04
CA ASP B 34 -30.05 4.09 -15.16
C ASP B 34 -28.78 4.69 -15.76
N SER B 35 -27.86 5.11 -14.90
CA SER B 35 -26.57 5.65 -15.32
C SER B 35 -25.50 4.68 -14.85
N TYR B 36 -24.72 4.16 -15.81
CA TYR B 36 -23.83 3.03 -15.57
C TYR B 36 -22.44 3.50 -15.12
N MET B 37 -22.42 4.11 -13.93
CA MET B 37 -21.21 4.67 -13.34
C MET B 37 -21.07 4.20 -11.90
N ASN B 38 -19.89 3.75 -11.52
CA ASN B 38 -19.61 3.21 -10.20
C ASN B 38 -18.47 3.97 -9.56
N TRP B 39 -18.39 3.86 -8.24
CA TRP B 39 -17.33 4.49 -7.47
C TRP B 39 -16.73 3.49 -6.50
N TYR B 40 -15.39 3.51 -6.40
CA TYR B 40 -14.63 2.64 -5.52
C TYR B 40 -13.70 3.45 -4.62
N GLN B 41 -13.42 2.89 -3.45
CA GLN B 41 -12.39 3.37 -2.53
C GLN B 41 -11.26 2.37 -2.50
N GLN B 42 -10.03 2.85 -2.43
CA GLN B 42 -8.91 1.94 -2.26
C GLN B 42 -7.87 2.51 -1.29
N LYS B 43 -7.49 1.69 -0.35
CA LYS B 43 -6.43 1.98 0.60
C LYS B 43 -5.23 1.08 0.32
N PRO B 44 -4.02 1.51 0.69
CA PRO B 44 -2.83 0.70 0.41
C PRO B 44 -2.94 -0.70 0.98
N GLY B 45 -2.47 -1.66 0.18
CA GLY B 45 -2.47 -3.06 0.57
C GLY B 45 -3.78 -3.80 0.43
N GLN B 46 -4.82 -3.13 -0.06
CA GLN B 46 -6.15 -3.72 -0.12
C GLN B 46 -6.69 -3.58 -1.53
N PRO B 47 -7.61 -4.45 -1.93
CA PRO B 47 -8.29 -4.27 -3.20
C PRO B 47 -9.24 -3.10 -3.14
N PRO B 48 -9.65 -2.60 -4.30
CA PRO B 48 -10.73 -1.59 -4.32
C PRO B 48 -11.99 -2.14 -3.67
N LYS B 49 -12.77 -1.22 -3.11
CA LYS B 49 -14.03 -1.51 -2.44
C LYS B 49 -15.14 -0.72 -3.11
N LEU B 50 -16.16 -1.42 -3.55
CA LEU B 50 -17.29 -0.76 -4.20
C LEU B 50 -18.08 0.07 -3.19
N LEU B 51 -18.29 1.34 -3.51
CA LEU B 51 -19.05 2.27 -2.67
C LEU B 51 -20.45 2.51 -3.22
N ILE B 52 -20.53 2.82 -4.52
CA ILE B 52 -21.74 3.29 -5.18
C ILE B 52 -21.80 2.57 -6.52
N TYR B 53 -22.98 2.02 -6.86
CA TYR B 53 -23.18 1.45 -8.18
C TYR B 53 -24.35 2.11 -8.87
N ALA B 54 -24.30 2.11 -10.19
CA ALA B 54 -25.29 2.76 -11.05
C ALA B 54 -25.59 4.18 -10.54
N ALA B 55 -24.52 4.94 -10.37
CA ALA B 55 -24.51 6.36 -10.10
C ALA B 55 -24.93 6.77 -8.69
N SER B 56 -25.97 6.13 -8.14
CA SER B 56 -26.54 6.62 -6.89
C SER B 56 -26.93 5.54 -5.89
N ASN B 57 -26.69 4.28 -6.18
CA ASN B 57 -27.11 3.19 -5.29
C ASN B 57 -25.97 2.91 -4.31
N LEU B 58 -26.29 2.97 -3.02
CA LEU B 58 -25.31 2.71 -1.98
C LEU B 58 -25.10 1.23 -1.81
N GLU B 59 -23.87 0.76 -1.96
CA GLU B 59 -23.60 -0.66 -1.81
C GLU B 59 -23.83 -1.09 -0.36
N SER B 60 -24.46 -2.25 -0.18
CA SER B 60 -24.73 -2.76 1.16
C SER B 60 -23.48 -2.79 2.02
N GLY B 61 -23.59 -2.29 3.26
CA GLY B 61 -22.47 -2.24 4.17
C GLY B 61 -21.68 -0.95 4.14
N ILE B 62 -21.85 -0.13 3.11
CA ILE B 62 -21.09 1.11 2.97
C ILE B 62 -21.82 2.21 3.74
N PRO B 63 -21.13 3.05 4.50
CA PRO B 63 -21.84 4.08 5.29
C PRO B 63 -22.56 5.05 4.36
N ALA B 64 -23.74 5.51 4.81
CA ALA B 64 -24.53 6.48 4.08
C ALA B 64 -23.93 7.87 4.08
N ARG B 65 -22.78 8.07 4.72
CA ARG B 65 -21.99 9.27 4.47
C ARG B 65 -21.55 9.38 3.02
N PHE B 66 -21.48 8.25 2.31
CA PHE B 66 -21.16 8.24 0.89
C PHE B 66 -22.45 8.32 0.06
N SER B 67 -22.42 9.17 -0.96
CA SER B 67 -23.55 9.27 -1.88
C SER B 67 -23.02 9.59 -3.27
N GLY B 68 -23.79 9.21 -4.27
CA GLY B 68 -23.42 9.51 -5.65
C GLY B 68 -24.57 10.21 -6.34
N SER B 69 -24.21 11.05 -7.31
CA SER B 69 -25.18 11.80 -8.09
C SER B 69 -24.69 11.95 -9.52
N GLY B 70 -25.60 12.36 -10.39
CA GLY B 70 -25.27 12.68 -11.76
C GLY B 70 -26.00 11.78 -12.76
N SER B 71 -25.88 12.16 -14.02
CA SER B 71 -26.41 11.37 -15.12
C SER B 71 -25.69 11.81 -16.40
N GLY B 72 -25.87 11.02 -17.45
CA GLY B 72 -25.30 11.34 -18.75
C GLY B 72 -23.80 11.20 -18.77
N THR B 73 -23.08 12.31 -18.73
CA THR B 73 -21.63 12.31 -18.72
C THR B 73 -21.02 12.86 -17.44
N ASP B 74 -21.81 13.41 -16.50
CA ASP B 74 -21.25 14.16 -15.37
C ASP B 74 -21.71 13.55 -14.07
N PHE B 75 -20.77 13.15 -13.22
CA PHE B 75 -21.07 12.42 -11.99
C PHE B 75 -20.24 12.96 -10.84
N THR B 76 -20.77 12.80 -9.63
CA THR B 76 -20.06 13.20 -8.43
C THR B 76 -20.19 12.13 -7.36
N LEU B 77 -19.13 11.96 -6.59
CA LEU B 77 -19.13 11.21 -5.34
C LEU B 77 -19.01 12.22 -4.22
N ASN B 78 -19.91 12.11 -3.24
CA ASN B 78 -19.93 13.02 -2.10
C ASN B 78 -19.74 12.22 -0.82
N ILE B 79 -18.91 12.75 0.07
CA ILE B 79 -18.65 12.17 1.38
C ILE B 79 -18.90 13.24 2.42
N HIS B 80 -19.86 13.01 3.34
CA HIS B 80 -20.25 14.06 4.28
C HIS B 80 -20.94 13.40 5.46
N PRO B 81 -20.49 13.63 6.72
CA PRO B 81 -19.26 14.32 7.11
C PRO B 81 -18.03 13.44 6.88
N VAL B 82 -16.94 14.06 6.46
CA VAL B 82 -15.69 13.33 6.26
C VAL B 82 -15.14 12.91 7.61
N GLY B 83 -14.63 11.68 7.68
CA GLY B 83 -13.96 11.18 8.86
C GLY B 83 -12.53 10.72 8.57
N GLU B 84 -11.78 10.47 9.64
CA GLU B 84 -10.40 10.05 9.51
C GLU B 84 -10.27 8.82 8.62
N GLU B 85 -11.23 7.91 8.71
CA GLU B 85 -11.15 6.64 7.99
C GLU B 85 -11.37 6.79 6.48
N ASP B 86 -11.67 7.97 6.00
CA ASP B 86 -11.93 8.19 4.59
C ASP B 86 -10.66 8.50 3.79
N ALA B 87 -9.51 8.64 4.43
CA ALA B 87 -8.25 8.79 3.70
C ALA B 87 -8.04 7.58 2.79
N ALA B 88 -7.94 7.83 1.50
CA ALA B 88 -7.92 6.77 0.50
C ALA B 88 -7.86 7.43 -0.88
N THR B 89 -7.68 6.59 -1.91
CA THR B 89 -7.84 7.00 -3.30
C THR B 89 -9.20 6.51 -3.77
N TYR B 90 -9.90 7.36 -4.52
CA TYR B 90 -11.22 7.06 -5.06
C TYR B 90 -11.18 7.02 -6.57
N TYR B 91 -11.92 6.06 -7.13
CA TYR B 91 -11.99 5.88 -8.58
C TYR B 91 -13.44 5.78 -9.03
N CYS B 92 -13.75 6.43 -10.15
CA CYS B 92 -14.97 6.13 -10.90
C CYS B 92 -14.67 5.05 -11.95
N GLN B 93 -15.74 4.39 -12.40
CA GLN B 93 -15.62 3.32 -13.37
C GLN B 93 -16.95 3.16 -14.08
N GLN B 94 -16.95 3.07 -15.39
CA GLN B 94 -18.19 2.94 -16.16
C GLN B 94 -18.41 1.49 -16.57
N SER B 95 -19.68 1.08 -16.52
CA SER B 95 -20.13 -0.28 -16.82
C SER B 95 -21.07 -0.30 -18.02
N HIS B 96 -21.09 0.78 -18.79
CA HIS B 96 -22.04 0.92 -19.90
C HIS B 96 -21.65 0.07 -21.10
N GLU B 97 -20.38 0.07 -21.47
CA GLU B 97 -19.92 -0.69 -22.62
C GLU B 97 -18.44 -1.00 -22.42
N ASP B 98 -18.02 -2.12 -22.96
CA ASP B 98 -16.62 -2.50 -22.84
C ASP B 98 -15.76 -1.74 -23.84
N PRO B 99 -14.49 -1.50 -23.53
CA PRO B 99 -13.83 -1.94 -22.29
C PRO B 99 -14.34 -1.18 -21.07
N TRP B 100 -14.43 -1.85 -19.95
CA TRP B 100 -14.74 -1.17 -18.70
C TRP B 100 -13.56 -0.27 -18.39
N THR B 101 -13.81 1.00 -18.14
CA THR B 101 -12.76 1.98 -17.93
C THR B 101 -12.91 2.66 -16.58
N PHE B 102 -11.76 3.07 -16.04
CA PHE B 102 -11.66 3.73 -14.75
C PHE B 102 -11.16 5.15 -14.97
N GLY B 103 -11.57 6.06 -14.09
CA GLY B 103 -10.91 7.35 -13.97
C GLY B 103 -9.52 7.17 -13.41
N GLY B 104 -8.75 8.25 -13.44
CA GLY B 104 -7.37 8.20 -12.99
C GLY B 104 -7.16 8.17 -11.51
N GLY B 105 -8.22 8.37 -10.72
CA GLY B 105 -8.12 8.37 -9.27
C GLY B 105 -8.00 9.76 -8.68
N THR B 106 -8.50 9.88 -7.46
CA THR B 106 -8.39 11.10 -6.66
C THR B 106 -7.93 10.70 -5.27
N MET B 107 -6.81 11.25 -4.81
CA MET B 107 -6.36 11.02 -3.45
C MET B 107 -7.05 12.01 -2.53
N LEU B 108 -7.67 11.49 -1.47
CA LEU B 108 -8.32 12.33 -0.47
C LEU B 108 -7.44 12.39 0.76
N GLU B 109 -7.00 13.60 1.12
CA GLU B 109 -6.31 13.88 2.37
C GLU B 109 -7.31 14.48 3.34
N ILE B 110 -7.30 13.98 4.57
CA ILE B 110 -8.14 14.48 5.63
C ILE B 110 -7.35 15.55 6.37
N LYS B 111 -7.85 16.79 6.35
CA LYS B 111 -7.16 17.89 7.03
C LYS B 111 -7.57 17.91 8.49
N ARG B 112 -6.58 17.74 9.38
CA ARG B 112 -6.71 17.77 10.82
C ARG B 112 -5.83 18.87 11.40
N THR B 113 -5.86 19.02 12.72
CA THR B 113 -5.02 20.03 13.36
C THR B 113 -3.54 19.71 13.21
N VAL B 114 -2.73 20.76 13.19
CA VAL B 114 -1.28 20.59 13.11
C VAL B 114 -0.79 19.77 14.30
N ALA B 115 0.13 18.84 14.03
CA ALA B 115 0.71 17.97 15.04
C ALA B 115 2.19 17.85 14.73
N ALA B 116 3.03 18.22 15.69
CA ALA B 116 4.47 18.11 15.49
C ALA B 116 4.91 16.66 15.62
N PRO B 117 5.94 16.26 14.88
CA PRO B 117 6.45 14.89 15.01
C PRO B 117 7.19 14.69 16.32
N SER B 118 7.10 13.49 16.87
CA SER B 118 8.06 13.01 17.85
C SER B 118 9.19 12.33 17.10
N VAL B 119 10.44 12.64 17.44
CA VAL B 119 11.60 12.26 16.65
C VAL B 119 12.47 11.30 17.45
N PHE B 120 12.94 10.25 16.79
CA PHE B 120 13.79 9.23 17.40
C PHE B 120 14.91 8.87 16.42
N ILE B 121 16.10 8.61 16.96
CA ILE B 121 17.24 8.16 16.15
C ILE B 121 17.69 6.79 16.63
N PHE B 122 18.05 5.92 15.70
CA PHE B 122 18.52 4.58 16.01
C PHE B 122 19.89 4.33 15.39
N PRO B 123 20.90 4.00 16.17
CA PRO B 123 22.19 3.62 15.60
C PRO B 123 22.08 2.30 14.86
N PRO B 124 23.06 1.96 14.01
CA PRO B 124 23.10 0.61 13.47
C PRO B 124 23.23 -0.41 14.59
N SER B 125 22.63 -1.57 14.39
CA SER B 125 22.73 -2.67 15.34
C SER B 125 24.10 -3.33 15.26
N ASP B 126 24.52 -3.92 16.37
CA ASP B 126 25.76 -4.68 16.35
C ASP B 126 25.68 -5.85 15.38
N GLU B 127 24.48 -6.46 15.27
CA GLU B 127 24.30 -7.55 14.32
C GLU B 127 24.60 -7.08 12.89
N GLN B 128 24.08 -5.92 12.51
CA GLN B 128 24.33 -5.43 11.15
C GLN B 128 25.80 -5.07 10.95
N LEU B 129 26.43 -4.48 11.97
CA LEU B 129 27.83 -4.08 11.82
C LEU B 129 28.75 -5.27 11.59
N LYS B 130 28.32 -6.48 11.94
CA LYS B 130 29.11 -7.64 11.57
C LYS B 130 29.23 -7.81 10.05
N SER B 131 28.35 -7.18 9.28
CA SER B 131 28.22 -7.46 7.86
C SER B 131 28.95 -6.47 6.96
N GLY B 132 29.43 -5.36 7.50
CA GLY B 132 30.12 -4.37 6.69
C GLY B 132 29.29 -3.20 6.20
N THR B 133 28.05 -3.08 6.64
CA THR B 133 27.18 -1.96 6.29
C THR B 133 26.54 -1.43 7.56
N ALA B 134 26.26 -0.14 7.56
CA ALA B 134 25.64 0.54 8.70
C ALA B 134 24.43 1.33 8.22
N SER B 135 23.27 1.02 8.78
CA SER B 135 22.03 1.76 8.52
C SER B 135 21.70 2.55 9.78
N VAL B 136 21.57 3.86 9.63
CA VAL B 136 21.14 4.74 10.73
C VAL B 136 19.73 5.21 10.39
N VAL B 137 18.82 5.10 11.33
CA VAL B 137 17.40 5.34 11.09
C VAL B 137 16.92 6.51 11.94
N CYS B 138 16.23 7.45 11.30
CA CYS B 138 15.55 8.55 11.98
C CYS B 138 14.06 8.40 11.74
N LEU B 139 13.29 8.44 12.83
CA LEU B 139 11.85 8.23 12.81
C LEU B 139 11.15 9.52 13.21
N LEU B 140 10.20 9.94 12.38
CA LEU B 140 9.28 11.05 12.70
C LEU B 140 7.89 10.45 12.84
N ASN B 141 7.32 10.51 14.03
CA ASN B 141 6.12 9.76 14.37
C ASN B 141 4.92 10.70 14.55
N ASN B 142 3.84 10.40 13.83
CA ASN B 142 2.50 10.96 14.04
C ASN B 142 2.48 12.49 13.94
N PHE B 143 2.74 12.98 12.74
CA PHE B 143 2.74 14.42 12.47
C PHE B 143 1.75 14.80 11.36
N TYR B 144 1.39 16.10 11.33
CA TYR B 144 0.52 16.66 10.31
C TYR B 144 0.77 18.16 10.24
N PRO B 145 0.89 18.75 9.05
CA PRO B 145 0.74 18.15 7.73
C PRO B 145 1.96 17.30 7.27
N ARG B 146 1.87 16.79 6.05
CA ARG B 146 2.83 15.82 5.55
C ARG B 146 4.21 16.42 5.33
N GLU B 147 4.29 17.68 4.95
CA GLU B 147 5.57 18.28 4.60
C GLU B 147 6.51 18.27 5.79
N ALA B 148 7.71 17.73 5.59
CA ALA B 148 8.71 17.65 6.64
C ALA B 148 10.07 17.53 5.98
N LYS B 149 11.07 18.14 6.60
CA LYS B 149 12.44 18.11 6.11
C LYS B 149 13.32 17.38 7.12
N VAL B 150 14.04 16.37 6.65
CA VAL B 150 14.98 15.62 7.47
C VAL B 150 16.36 15.79 6.85
N GLN B 151 17.31 16.28 7.65
CA GLN B 151 18.68 16.46 7.21
C GLN B 151 19.61 15.64 8.10
N TRP B 152 20.52 14.89 7.48
CA TRP B 152 21.49 14.10 8.21
C TRP B 152 22.80 14.88 8.28
N LYS B 153 23.42 14.85 9.46
CA LYS B 153 24.74 15.45 9.68
C LYS B 153 25.64 14.42 10.33
N VAL B 154 26.85 14.27 9.78
CA VAL B 154 27.86 13.35 10.31
C VAL B 154 29.07 14.18 10.67
N ASP B 155 29.43 14.19 11.95
CA ASP B 155 30.45 15.10 12.46
C ASP B 155 30.18 16.54 11.99
N ASN B 156 28.89 16.91 12.03
CA ASN B 156 28.40 18.23 11.66
C ASN B 156 28.51 18.54 10.18
N ALA B 157 28.81 17.55 9.33
CA ALA B 157 28.85 17.72 7.90
C ALA B 157 27.55 17.21 7.29
N LEU B 158 26.89 18.06 6.49
CA LEU B 158 25.60 17.71 5.93
C LEU B 158 25.76 16.62 4.88
N GLN B 159 24.89 15.60 4.96
CA GLN B 159 24.94 14.48 4.04
C GLN B 159 24.02 14.71 2.85
N SER B 160 24.42 14.17 1.70
CA SER B 160 23.63 14.22 0.49
C SER B 160 23.83 12.94 -0.30
N GLY B 161 22.73 12.41 -0.83
CA GLY B 161 22.76 11.28 -1.73
C GLY B 161 22.81 9.92 -1.10
N ASN B 162 22.99 9.82 0.22
CA ASN B 162 23.15 8.54 0.90
C ASN B 162 22.01 8.25 1.88
N SER B 163 20.85 8.86 1.72
CA SER B 163 19.70 8.53 2.53
C SER B 163 18.49 8.31 1.64
N GLN B 164 17.53 7.54 2.16
CA GLN B 164 16.24 7.36 1.53
C GLN B 164 15.14 7.47 2.60
N GLU B 165 14.00 8.02 2.18
CA GLU B 165 12.85 8.27 3.06
C GLU B 165 11.68 7.40 2.62
N SER B 166 10.83 7.06 3.60
CA SER B 166 9.56 6.41 3.36
C SER B 166 8.53 7.06 4.25
N VAL B 167 7.34 7.33 3.70
CA VAL B 167 6.25 7.96 4.44
C VAL B 167 5.04 7.03 4.41
N THR B 168 4.38 6.88 5.56
CA THR B 168 3.16 6.08 5.62
C THR B 168 2.03 6.78 4.90
N GLU B 169 1.03 6.01 4.49
CA GLU B 169 -0.26 6.58 4.16
C GLU B 169 -0.80 7.30 5.38
N GLN B 170 -1.76 8.18 5.14
CA GLN B 170 -2.39 8.90 6.24
C GLN B 170 -3.11 7.92 7.16
N ASP B 171 -2.96 8.11 8.46
CA ASP B 171 -3.49 7.15 9.42
C ASP B 171 -5.00 7.21 9.46
N SER B 172 -5.64 6.05 9.43
CA SER B 172 -7.09 5.97 9.33
C SER B 172 -7.80 6.29 10.64
N LYS B 173 -7.08 6.42 11.73
CA LYS B 173 -7.67 6.76 13.03
C LYS B 173 -7.35 8.16 13.50
N ASP B 174 -6.13 8.66 13.31
CA ASP B 174 -5.77 9.98 13.81
C ASP B 174 -5.30 10.95 12.73
N SER B 175 -5.32 10.56 11.47
CA SER B 175 -5.04 11.44 10.33
C SER B 175 -3.62 12.01 10.32
N THR B 176 -2.69 11.36 11.00
CA THR B 176 -1.30 11.79 10.94
C THR B 176 -0.52 10.93 9.92
N TYR B 177 0.70 11.37 9.66
CA TYR B 177 1.68 10.63 8.89
C TYR B 177 2.86 10.28 9.80
N SER B 178 3.62 9.27 9.39
CA SER B 178 4.92 8.99 10.00
C SER B 178 5.93 8.79 8.89
N LEU B 179 7.19 9.03 9.21
CA LEU B 179 8.24 9.05 8.20
C LEU B 179 9.50 8.40 8.77
N SER B 180 10.14 7.55 7.97
CA SER B 180 11.43 7.00 8.30
C SER B 180 12.47 7.48 7.30
N SER B 181 13.64 7.88 7.80
CA SER B 181 14.77 8.21 6.94
C SER B 181 15.92 7.31 7.33
N THR B 182 16.53 6.66 6.35
CA THR B 182 17.63 5.72 6.59
C THR B 182 18.87 6.26 5.89
N LEU B 183 19.93 6.49 6.68
CA LEU B 183 21.25 6.86 6.18
C LEU B 183 22.07 5.58 6.07
N THR B 184 22.64 5.33 4.89
CA THR B 184 23.40 4.11 4.66
C THR B 184 24.87 4.45 4.41
N LEU B 185 25.74 3.90 5.23
CA LEU B 185 27.18 4.05 5.07
C LEU B 185 27.81 2.67 5.05
N SER B 186 28.98 2.56 4.40
CA SER B 186 29.79 1.38 4.63
C SER B 186 30.22 1.36 6.09
N LYS B 187 30.46 0.16 6.63
CA LYS B 187 31.01 0.07 7.98
C LYS B 187 32.30 0.86 8.08
N ALA B 188 33.15 0.78 7.05
CA ALA B 188 34.43 1.49 7.08
C ALA B 188 34.21 2.98 7.27
N ASP B 189 33.27 3.57 6.51
CA ASP B 189 33.00 5.00 6.65
C ASP B 189 32.34 5.31 7.99
N TYR B 190 31.44 4.43 8.46
CA TYR B 190 30.75 4.67 9.73
C TYR B 190 31.74 4.79 10.88
N GLU B 191 32.74 3.92 10.91
CA GLU B 191 33.72 3.94 11.99
C GLU B 191 34.73 5.07 11.86
N LYS B 192 34.69 5.86 10.78
CA LYS B 192 35.56 7.01 10.61
C LYS B 192 34.99 8.30 11.21
N HIS B 193 33.79 8.25 11.80
CA HIS B 193 33.13 9.45 12.30
C HIS B 193 32.48 9.15 13.64
N LYS B 194 32.15 10.22 14.38
CA LYS B 194 31.66 10.10 15.74
C LYS B 194 30.20 10.51 15.89
N VAL B 195 29.84 11.73 15.50
CA VAL B 195 28.52 12.28 15.80
C VAL B 195 27.59 12.04 14.62
N TYR B 196 26.45 11.41 14.90
CA TYR B 196 25.41 11.13 13.91
C TYR B 196 24.14 11.83 14.37
N ALA B 197 23.63 12.72 13.53
CA ALA B 197 22.50 13.57 13.91
C ALA B 197 21.47 13.64 12.81
N CYS B 198 20.20 13.62 13.22
CA CYS B 198 19.05 13.85 12.37
C CYS B 198 18.39 15.16 12.79
N GLU B 199 18.26 16.09 11.86
CA GLU B 199 17.62 17.38 12.12
C GLU B 199 16.30 17.45 11.35
N VAL B 200 15.22 17.76 12.09
CA VAL B 200 13.86 17.70 11.55
C VAL B 200 13.24 19.09 11.59
N THR B 201 12.69 19.52 10.46
CA THR B 201 11.97 20.78 10.32
C THR B 201 10.51 20.46 9.98
N HIS B 202 9.57 21.08 10.71
CA HIS B 202 8.16 20.82 10.49
C HIS B 202 7.34 22.00 11.03
N GLN B 203 6.21 22.25 10.37
CA GLN B 203 5.35 23.38 10.74
C GLN B 203 5.02 23.40 12.22
N GLY B 204 4.82 22.24 12.84
CA GLY B 204 4.47 22.14 14.23
C GLY B 204 5.57 22.37 15.21
N LEU B 205 6.81 22.57 14.73
CA LEU B 205 7.96 22.79 15.59
C LEU B 205 8.39 24.25 15.46
N SER B 206 8.57 24.92 16.60
CA SER B 206 8.97 26.32 16.57
C SER B 206 10.38 26.48 16.02
N SER B 207 11.24 25.49 16.23
CA SER B 207 12.61 25.48 15.71
C SER B 207 12.97 24.04 15.40
N PRO B 208 13.86 23.81 14.44
CA PRO B 208 14.26 22.42 14.14
C PRO B 208 14.64 21.62 15.37
N VAL B 209 14.30 20.34 15.34
CA VAL B 209 14.63 19.40 16.40
C VAL B 209 15.76 18.51 15.88
N THR B 210 16.78 18.33 16.70
CA THR B 210 17.91 17.47 16.36
C THR B 210 17.97 16.33 17.37
N LYS B 211 18.05 15.10 16.86
CA LYS B 211 18.34 13.93 17.66
C LYS B 211 19.67 13.37 17.18
N SER B 212 20.52 12.96 18.11
CA SER B 212 21.88 12.57 17.75
C SER B 212 22.41 11.54 18.73
N PHE B 213 23.47 10.85 18.32
CA PHE B 213 24.20 9.95 19.18
C PHE B 213 25.68 10.01 18.79
N ASN B 214 26.54 9.58 19.70
CA ASN B 214 27.97 9.44 19.46
C ASN B 214 28.30 7.96 19.31
N ARG B 215 28.92 7.61 18.19
CA ARG B 215 29.24 6.20 17.93
C ARG B 215 30.02 5.62 19.09
N GLY B 216 29.57 4.46 19.57
CA GLY B 216 30.24 3.76 20.65
C GLY B 216 29.95 4.26 22.04
N GLU B 217 29.43 5.48 22.19
CA GLU B 217 29.20 6.03 23.52
C GLU B 217 28.06 5.31 24.24
N CYS B 218 27.11 4.75 23.50
CA CYS B 218 25.92 4.11 24.06
C CYS B 218 25.48 4.67 25.41
#